data_6CN5
#
_entry.id   6CN5
#
_cell.length_a   95.663
_cell.length_b   95.663
_cell.length_c   135.897
_cell.angle_alpha   90.000
_cell.angle_beta   90.000
_cell.angle_gamma   120.000
#
_symmetry.space_group_name_H-M   'P 61'
#
loop_
_entity.id
_entity.type
_entity.pdbx_description
1 polymer 'Nuclear receptor ROR-gamma'
2 non-polymer 4-cyano-N-{3-[1-(cyclohexanecarbonyl)piperidin-4-yl]-1-methyl-1H-indol-5-yl}pyridine-2-carboxamide
3 water water
#
_entity_poly.entity_id   1
_entity_poly.type   'polypeptide(L)'
_entity_poly.pdbx_seq_one_letter_code
;GPTPEAPYASLTEIEHLVQSVCKSYRETCQLRLEDLLRQRSNIFSREEVTGYQRKSMWEMWERCAHHLTEAIQYVVEFAK
RLSGFMELCQNDQIVLLKAGAMEVVLVRMCRAYNADNRTVFFEGKYGGMELFRALGCSELISSIFDFSHSLSALHFSEDE
IALYTALVLINAHRPGLQEKRKVEQLQYNLELAFHHHLCKTHRQSILAKLPPKGKLRSLCSQHVERLQIFQHLHPIVVQA
AFPPLYKELFSTETESPVGLSK
;
_entity_poly.pdbx_strand_id   A,B
#
loop_
_chem_comp.id
_chem_comp.type
_chem_comp.name
_chem_comp.formula
F7M non-polymer 4-cyano-N-{3-[1-(cyclohexanecarbonyl)piperidin-4-yl]-1-methyl-1H-indol-5-yl}pyridine-2-carboxamide 'C28 H31 N5 O2'
#
# COMPACT_ATOMS: atom_id res chain seq x y z
N ALA A 9 6.75 -6.86 28.86
CA ALA A 9 5.43 -6.48 28.27
C ALA A 9 4.55 -5.64 29.24
N SER A 10 3.77 -4.73 28.66
CA SER A 10 2.76 -3.96 29.44
C SER A 10 1.71 -3.38 28.48
N LEU A 11 0.77 -2.61 29.03
CA LEU A 11 -0.37 -2.06 28.32
C LEU A 11 -0.10 -1.03 27.20
N THR A 12 0.85 -0.13 27.37
CA THR A 12 1.23 0.75 26.25
C THR A 12 1.87 -0.04 25.11
N GLU A 13 2.66 -1.07 25.44
CA GLU A 13 3.10 -2.01 24.45
C GLU A 13 1.95 -2.73 23.80
N ILE A 14 0.95 -3.11 24.61
CA ILE A 14 -0.16 -3.78 24.04
C ILE A 14 -0.98 -2.86 23.11
N GLU A 15 -1.17 -1.59 23.47
CA GLU A 15 -1.78 -0.60 22.58
C GLU A 15 -1.03 -0.41 21.25
N HIS A 16 0.28 -0.27 21.32
N HIS A 16 0.30 -0.26 21.32
CA HIS A 16 1.08 -0.16 20.10
CA HIS A 16 1.16 -0.21 20.11
C HIS A 16 0.94 -1.44 19.26
C HIS A 16 0.89 -1.43 19.27
N LEU A 17 0.85 -2.61 19.90
CA LEU A 17 0.65 -3.86 19.15
C LEU A 17 -0.68 -3.84 18.42
N VAL A 18 -1.77 -3.43 19.09
CA VAL A 18 -3.09 -3.30 18.42
C VAL A 18 -3.00 -2.36 17.21
N GLN A 19 -2.49 -1.14 17.42
CA GLN A 19 -2.29 -0.16 16.32
C GLN A 19 -1.49 -0.81 15.18
N SER A 20 -0.43 -1.46 15.53
CA SER A 20 0.42 -2.00 14.52
C SER A 20 -0.22 -3.16 13.75
N VAL A 21 -0.95 -4.02 14.43
CA VAL A 21 -1.58 -5.16 13.72
C VAL A 21 -2.68 -4.65 12.78
N CYS A 22 -3.40 -3.72 13.32
CA CYS A 22 -4.47 -3.21 12.61
C CYS A 22 -3.97 -2.36 11.38
N LYS A 23 -2.86 -1.62 11.52
CA LYS A 23 -2.21 -1.06 10.36
C LYS A 23 -1.73 -2.04 9.29
N SER A 24 -1.04 -3.11 9.67
CA SER A 24 -0.63 -4.10 8.71
C SER A 24 -1.83 -4.66 7.96
N TYR A 25 -2.96 -4.84 8.67
CA TYR A 25 -4.13 -5.43 8.04
C TYR A 25 -4.69 -4.45 6.98
N ARG A 26 -4.81 -3.19 7.35
CA ARG A 26 -5.26 -2.21 6.40
C ARG A 26 -4.37 -2.15 5.11
N GLU A 27 -3.05 -2.31 5.29
CA GLU A 27 -2.11 -2.28 4.16
C GLU A 27 -2.18 -3.58 3.34
N THR A 28 -2.75 -4.65 3.87
CA THR A 28 -2.65 -5.94 3.18
C THR A 28 -4.02 -6.58 3.07
N CYS A 29 -5.07 -5.75 3.12
CA CYS A 29 -6.43 -6.34 3.26
C CYS A 29 -6.96 -6.78 1.87
N GLN A 30 -6.20 -6.52 0.81
CA GLN A 30 -6.51 -7.00 -0.57
C GLN A 30 -7.52 -6.07 -1.21
N LEU A 31 -8.77 -6.06 -0.77
CA LEU A 31 -9.68 -4.98 -1.22
C LEU A 31 -10.20 -4.31 0.01
N ARG A 32 -10.41 -3.00 -0.04
CA ARG A 32 -10.94 -2.21 1.07
C ARG A 32 -12.37 -2.66 1.25
N LEU A 33 -12.80 -2.79 2.52
CA LEU A 33 -14.17 -3.26 2.80
C LEU A 33 -15.25 -2.47 2.03
N GLU A 34 -15.08 -1.17 1.99
CA GLU A 34 -16.00 -0.26 1.32
C GLU A 34 -16.12 -0.58 -0.16
N ASP A 35 -15.01 -1.03 -0.76
CA ASP A 35 -15.08 -1.51 -2.16
C ASP A 35 -15.88 -2.78 -2.29
N LEU A 36 -15.64 -3.72 -1.35
CA LEU A 36 -16.38 -4.96 -1.36
C LEU A 36 -17.87 -4.68 -1.13
N LEU A 37 -18.19 -3.77 -0.20
CA LEU A 37 -19.62 -3.52 0.10
C LEU A 37 -20.38 -2.88 -1.07
N ARG A 38 -19.72 -1.93 -1.71
CA ARG A 38 -20.36 -1.18 -2.77
C ARG A 38 -20.54 -2.08 -3.96
N GLN A 39 -19.72 -3.14 -4.08
CA GLN A 39 -19.82 -4.05 -5.24
C GLN A 39 -20.94 -5.09 -5.12
N ARG A 40 -21.61 -5.10 -3.96
CA ARG A 40 -22.70 -6.03 -3.69
C ARG A 40 -23.84 -6.04 -4.65
N SER A 41 -24.07 -4.89 -5.29
CA SER A 41 -25.15 -4.80 -6.28
C SER A 41 -24.69 -5.29 -7.67
N ASN A 42 -23.44 -5.70 -7.78
CA ASN A 42 -22.94 -6.27 -9.02
C ASN A 42 -22.94 -7.83 -8.99
N ILE A 43 -24.00 -8.42 -9.53
CA ILE A 43 -24.29 -9.82 -9.38
C ILE A 43 -24.21 -10.46 -10.76
N PHE A 44 -23.57 -11.63 -10.89
CA PHE A 44 -23.60 -12.42 -12.14
C PHE A 44 -25.03 -12.65 -12.65
N SER A 45 -25.29 -12.41 -13.94
CA SER A 45 -26.63 -12.73 -14.48
C SER A 45 -26.85 -14.27 -14.50
N ARG A 46 -28.11 -14.69 -14.66
CA ARG A 46 -28.38 -16.11 -14.90
C ARG A 46 -27.56 -16.73 -16.05
N GLU A 47 -27.25 -15.94 -17.09
CA GLU A 47 -26.42 -16.42 -18.21
C GLU A 47 -24.95 -16.55 -17.79
N GLU A 48 -24.47 -15.62 -17.02
CA GLU A 48 -23.10 -15.76 -16.53
C GLU A 48 -22.97 -17.00 -15.62
N VAL A 49 -23.97 -17.25 -14.76
CA VAL A 49 -23.94 -18.37 -13.81
C VAL A 49 -23.86 -19.63 -14.63
N THR A 50 -24.72 -19.70 -15.65
CA THR A 50 -24.78 -20.84 -16.53
C THR A 50 -23.42 -21.08 -17.19
N GLY A 51 -22.78 -20.01 -17.72
CA GLY A 51 -21.40 -20.06 -18.31
C GLY A 51 -20.39 -20.61 -17.31
N TYR A 52 -20.46 -20.20 -16.06
CA TYR A 52 -19.65 -20.89 -15.05
C TYR A 52 -19.99 -22.40 -14.82
N GLN A 53 -21.27 -22.73 -14.76
CA GLN A 53 -21.72 -24.11 -14.50
C GLN A 53 -21.34 -25.03 -15.63
N ARG A 54 -21.11 -24.47 -16.82
CA ARG A 54 -20.69 -25.28 -17.94
C ARG A 54 -19.20 -25.56 -18.02
N LYS A 55 -18.36 -24.80 -17.34
CA LYS A 55 -16.89 -25.04 -17.40
C LYS A 55 -16.55 -26.46 -16.89
N SER A 56 -15.43 -27.03 -17.37
CA SER A 56 -15.05 -28.28 -16.73
C SER A 56 -14.59 -28.06 -15.28
N MET A 57 -14.58 -29.14 -14.52
CA MET A 57 -13.99 -29.09 -13.18
C MET A 57 -12.53 -28.52 -13.21
N TRP A 58 -11.79 -28.80 -14.28
CA TRP A 58 -10.38 -28.41 -14.45
C TRP A 58 -10.20 -26.93 -14.61
N GLU A 59 -11.09 -26.34 -15.39
CA GLU A 59 -11.09 -24.93 -15.57
C GLU A 59 -11.49 -24.17 -14.29
N MET A 60 -12.52 -24.68 -13.60
CA MET A 60 -12.91 -24.12 -12.29
C MET A 60 -11.80 -24.29 -11.28
N TRP A 61 -11.10 -25.41 -11.30
CA TRP A 61 -9.93 -25.59 -10.42
C TRP A 61 -8.86 -24.51 -10.69
N GLU A 62 -8.49 -24.31 -11.96
CA GLU A 62 -7.59 -23.21 -12.35
C GLU A 62 -8.00 -21.87 -11.79
N ARG A 63 -9.28 -21.55 -11.95
CA ARG A 63 -9.81 -20.27 -11.53
C ARG A 63 -9.80 -20.18 -10.01
N CYS A 64 -10.17 -21.24 -9.28
CA CYS A 64 -10.11 -21.22 -7.82
C CYS A 64 -8.62 -21.15 -7.32
N ALA A 65 -7.74 -21.85 -8.00
CA ALA A 65 -6.34 -21.80 -7.63
C ALA A 65 -5.81 -20.36 -7.73
N HIS A 66 -6.14 -19.70 -8.84
CA HIS A 66 -5.65 -18.35 -9.10
C HIS A 66 -6.23 -17.39 -8.05
N HIS A 67 -7.53 -17.47 -7.84
CA HIS A 67 -8.24 -16.82 -6.76
C HIS A 67 -7.52 -16.97 -5.37
N LEU A 68 -7.21 -18.20 -5.00
CA LEU A 68 -6.54 -18.50 -3.72
C LEU A 68 -5.10 -18.08 -3.71
N THR A 69 -4.38 -18.21 -4.79
CA THR A 69 -2.99 -17.86 -4.59
C THR A 69 -2.89 -16.35 -4.44
N GLU A 70 -3.74 -15.64 -5.14
CA GLU A 70 -3.80 -14.20 -4.96
C GLU A 70 -4.24 -13.77 -3.49
N ALA A 71 -5.24 -14.44 -2.89
CA ALA A 71 -5.59 -14.17 -1.48
C ALA A 71 -4.41 -14.49 -0.53
N ILE A 72 -3.73 -15.61 -0.76
CA ILE A 72 -2.60 -16.03 0.06
C ILE A 72 -1.46 -15.03 -0.04
N GLN A 73 -1.29 -14.41 -1.20
CA GLN A 73 -0.19 -13.44 -1.33
C GLN A 73 -0.41 -12.26 -0.32
N TYR A 74 -1.65 -11.85 -0.09
CA TYR A 74 -1.89 -10.76 0.84
C TYR A 74 -1.67 -11.21 2.26
N VAL A 75 -1.96 -12.50 2.53
CA VAL A 75 -1.83 -13.01 3.89
C VAL A 75 -0.34 -13.07 4.19
N VAL A 76 0.45 -13.46 3.21
CA VAL A 76 1.93 -13.51 3.43
C VAL A 76 2.41 -12.06 3.61
N GLU A 77 1.80 -11.12 2.89
CA GLU A 77 2.29 -9.72 3.08
C GLU A 77 1.92 -9.23 4.51
N PHE A 78 0.73 -9.64 4.98
CA PHE A 78 0.26 -9.42 6.35
C PHE A 78 1.27 -9.98 7.38
N ALA A 79 1.58 -11.28 7.33
CA ALA A 79 2.51 -11.92 8.29
C ALA A 79 3.86 -11.16 8.31
N LYS A 80 4.31 -10.79 7.13
CA LYS A 80 5.62 -10.22 7.06
C LYS A 80 5.60 -8.77 7.65
N ARG A 81 4.43 -8.12 7.71
CA ARG A 81 4.33 -6.86 8.42
C ARG A 81 4.16 -7.03 9.94
N LEU A 82 3.93 -8.24 10.43
CA LEU A 82 3.67 -8.45 11.87
C LEU A 82 4.95 -8.42 12.71
N SER A 83 4.98 -7.38 13.55
CA SER A 83 5.92 -7.20 14.69
C SER A 83 6.71 -8.46 15.07
N GLY A 84 6.02 -9.39 15.72
CA GLY A 84 6.70 -10.53 16.28
C GLY A 84 7.17 -11.53 15.26
N PHE A 85 6.44 -11.59 14.14
CA PHE A 85 6.63 -12.65 13.15
C PHE A 85 8.00 -12.64 12.48
N MET A 86 8.49 -11.47 12.06
CA MET A 86 9.79 -11.43 11.39
C MET A 86 10.94 -11.75 12.36
N GLU A 87 10.72 -11.47 13.63
CA GLU A 87 11.72 -11.84 14.62
C GLU A 87 11.79 -13.36 14.92
N LEU A 88 10.81 -14.11 14.42
CA LEU A 88 10.81 -15.55 14.55
C LEU A 88 11.77 -16.15 13.53
N CYS A 89 12.31 -17.32 13.83
CA CYS A 89 13.20 -17.97 12.89
C CYS A 89 12.49 -18.36 11.58
N GLN A 90 13.31 -18.47 10.55
CA GLN A 90 12.93 -18.80 9.19
C GLN A 90 12.04 -20.06 9.12
N ASN A 91 12.38 -21.08 9.89
CA ASN A 91 11.59 -22.32 9.95
C ASN A 91 10.20 -22.07 10.58
N ASP A 92 10.17 -21.40 11.74
CA ASP A 92 8.89 -21.07 12.39
C ASP A 92 7.93 -20.22 11.51
N GLN A 93 8.50 -19.26 10.75
CA GLN A 93 7.69 -18.46 9.82
C GLN A 93 7.08 -19.37 8.79
N ILE A 94 7.84 -20.32 8.30
CA ILE A 94 7.33 -21.19 7.24
C ILE A 94 6.28 -22.12 7.85
N VAL A 95 6.57 -22.74 9.01
CA VAL A 95 5.59 -23.63 9.69
C VAL A 95 4.27 -22.89 9.98
N LEU A 96 4.36 -21.69 10.50
CA LEU A 96 3.13 -20.92 10.76
C LEU A 96 2.33 -20.58 9.53
N LEU A 97 3.00 -20.19 8.44
CA LEU A 97 2.25 -19.84 7.20
C LEU A 97 1.64 -21.06 6.51
N LYS A 98 2.39 -22.15 6.48
CA LYS A 98 1.92 -23.36 5.85
C LYS A 98 0.66 -23.89 6.55
N ALA A 99 0.68 -23.84 7.89
CA ALA A 99 -0.47 -24.27 8.68
C ALA A 99 -1.53 -23.14 8.69
N GLY A 100 -1.16 -21.87 8.69
CA GLY A 100 -2.24 -20.91 8.95
C GLY A 100 -2.69 -20.01 7.82
N ALA A 101 -1.92 -19.89 6.73
CA ALA A 101 -2.34 -18.90 5.71
C ALA A 101 -3.76 -19.18 5.16
N MET A 102 -4.08 -20.45 4.89
CA MET A 102 -5.44 -20.82 4.36
C MET A 102 -6.60 -20.57 5.37
N GLU A 103 -6.35 -20.83 6.63
CA GLU A 103 -7.27 -20.49 7.73
C GLU A 103 -7.54 -19.01 7.71
N VAL A 104 -6.52 -18.23 7.40
CA VAL A 104 -6.72 -16.77 7.45
C VAL A 104 -7.57 -16.35 6.25
N VAL A 105 -7.29 -16.98 5.11
CA VAL A 105 -8.12 -16.74 3.93
C VAL A 105 -9.58 -17.11 4.19
N LEU A 106 -9.84 -18.21 4.86
CA LEU A 106 -11.22 -18.62 5.21
C LEU A 106 -11.89 -17.56 6.09
N VAL A 107 -11.18 -17.04 7.11
CA VAL A 107 -11.74 -15.97 7.90
C VAL A 107 -12.02 -14.71 7.03
N ARG A 108 -11.05 -14.32 6.20
CA ARG A 108 -11.16 -13.08 5.41
C ARG A 108 -12.29 -13.15 4.43
N MET A 109 -12.69 -14.37 4.07
CA MET A 109 -13.80 -14.53 3.13
C MET A 109 -15.13 -13.85 3.60
N CYS A 110 -15.37 -13.67 4.91
CA CYS A 110 -16.66 -13.18 5.37
C CYS A 110 -16.89 -11.72 4.94
N ARG A 111 -15.82 -10.99 4.59
CA ARG A 111 -15.92 -9.56 4.18
C ARG A 111 -16.54 -9.48 2.79
N ALA A 112 -16.24 -10.51 1.97
CA ALA A 112 -16.70 -10.61 0.56
C ALA A 112 -17.94 -11.53 0.44
N TYR A 113 -18.58 -11.80 1.55
CA TYR A 113 -19.79 -12.62 1.57
C TYR A 113 -21.00 -11.70 1.86
N ASN A 114 -22.08 -11.78 1.08
CA ASN A 114 -23.28 -10.97 1.35
C ASN A 114 -24.35 -11.97 1.87
N ALA A 115 -24.70 -11.85 3.15
CA ALA A 115 -25.77 -12.65 3.80
C ALA A 115 -27.17 -12.48 3.27
N ASP A 116 -27.48 -11.35 2.65
CA ASP A 116 -28.86 -11.13 2.20
C ASP A 116 -29.24 -11.97 1.06
N ASN A 117 -28.28 -12.30 0.21
CA ASN A 117 -28.59 -13.12 -0.95
C ASN A 117 -27.63 -14.32 -1.01
N ARG A 118 -26.83 -14.52 0.02
CA ARG A 118 -25.89 -15.66 0.08
C ARG A 118 -24.95 -15.73 -1.13
N THR A 119 -24.38 -14.60 -1.47
CA THR A 119 -23.44 -14.54 -2.57
C THR A 119 -22.04 -14.16 -2.08
N VAL A 120 -21.04 -14.49 -2.89
CA VAL A 120 -19.67 -14.15 -2.65
C VAL A 120 -19.09 -13.49 -3.88
N PHE A 121 -18.08 -12.67 -3.64
CA PHE A 121 -17.34 -11.95 -4.68
C PHE A 121 -16.28 -12.89 -5.27
N PHE A 122 -16.37 -13.15 -6.56
CA PHE A 122 -15.48 -14.10 -7.21
C PHE A 122 -15.30 -13.60 -8.62
N GLU A 123 -14.04 -13.34 -9.01
CA GLU A 123 -13.74 -12.85 -10.36
C GLU A 123 -14.56 -11.63 -10.78
N GLY A 124 -14.78 -10.70 -9.86
CA GLY A 124 -15.26 -9.37 -10.28
C GLY A 124 -16.72 -9.05 -10.03
N LYS A 125 -17.51 -10.07 -9.63
CA LYS A 125 -18.95 -9.94 -9.35
C LYS A 125 -19.35 -10.94 -8.28
N TYR A 126 -20.53 -10.75 -7.72
CA TYR A 126 -21.09 -11.62 -6.72
C TYR A 126 -21.95 -12.75 -7.31
N GLY A 127 -21.76 -13.97 -6.80
CA GLY A 127 -22.59 -15.10 -7.20
C GLY A 127 -22.80 -16.11 -6.09
N GLY A 128 -23.83 -16.96 -6.22
CA GLY A 128 -24.21 -17.89 -5.19
C GLY A 128 -23.40 -19.16 -5.25
N MET A 129 -23.62 -20.07 -4.32
CA MET A 129 -22.87 -21.34 -4.38
C MET A 129 -22.99 -22.10 -5.67
N GLU A 130 -24.13 -21.97 -6.33
CA GLU A 130 -24.36 -22.68 -7.58
C GLU A 130 -23.38 -22.33 -8.70
N LEU A 131 -22.72 -21.20 -8.59
CA LEU A 131 -21.65 -20.80 -9.50
C LEU A 131 -20.50 -21.83 -9.55
N PHE A 132 -20.35 -22.60 -8.47
CA PHE A 132 -19.21 -23.51 -8.32
C PHE A 132 -19.57 -24.94 -8.61
N ARG A 133 -20.74 -25.14 -9.23
CA ARG A 133 -21.26 -26.48 -9.37
C ARG A 133 -20.29 -27.44 -10.09
N ALA A 134 -19.62 -27.00 -11.14
CA ALA A 134 -18.78 -27.89 -11.96
C ALA A 134 -17.63 -28.49 -11.12
N LEU A 135 -17.32 -27.90 -9.98
CA LEU A 135 -16.21 -28.43 -9.18
C LEU A 135 -16.53 -29.79 -8.67
N GLY A 136 -17.81 -30.12 -8.53
CA GLY A 136 -18.16 -31.40 -7.88
C GLY A 136 -17.84 -31.45 -6.39
N CYS A 137 -17.76 -30.30 -5.72
CA CYS A 137 -17.42 -30.23 -4.28
C CYS A 137 -18.55 -29.58 -3.49
N SER A 138 -19.74 -30.09 -3.57
CA SER A 138 -20.78 -29.28 -3.01
C SER A 138 -20.86 -29.38 -1.50
N GLU A 139 -20.57 -30.53 -0.88
CA GLU A 139 -20.42 -30.57 0.61
C GLU A 139 -19.42 -29.53 1.15
N LEU A 140 -18.21 -29.56 0.64
CA LEU A 140 -17.18 -28.62 1.11
C LEU A 140 -17.57 -27.15 0.79
N ILE A 141 -18.11 -26.88 -0.40
CA ILE A 141 -18.49 -25.48 -0.78
C ILE A 141 -19.55 -24.95 0.16
N SER A 142 -20.51 -25.78 0.44
CA SER A 142 -21.54 -25.35 1.29
C SER A 142 -21.03 -25.26 2.80
N SER A 143 -20.06 -26.07 3.23
CA SER A 143 -19.40 -25.77 4.57
C SER A 143 -18.68 -24.43 4.57
N ILE A 144 -17.99 -24.10 3.50
CA ILE A 144 -17.29 -22.82 3.44
C ILE A 144 -18.30 -21.66 3.47
N PHE A 145 -19.39 -21.78 2.70
CA PHE A 145 -20.47 -20.76 2.76
C PHE A 145 -21.06 -20.62 4.17
N ASP A 146 -21.28 -21.74 4.85
CA ASP A 146 -21.83 -21.69 6.21
C ASP A 146 -20.86 -21.01 7.15
N PHE A 147 -19.57 -21.34 7.01
CA PHE A 147 -18.62 -20.73 7.87
C PHE A 147 -18.63 -19.20 7.64
N SER A 148 -18.56 -18.77 6.38
CA SER A 148 -18.66 -17.34 6.05
C SER A 148 -19.92 -16.68 6.55
N HIS A 149 -21.07 -17.37 6.40
CA HIS A 149 -22.35 -16.88 6.88
C HIS A 149 -22.27 -16.65 8.41
N SER A 150 -21.68 -17.59 9.15
CA SER A 150 -21.78 -17.41 10.59
C SER A 150 -20.81 -16.33 11.09
N LEU A 151 -19.70 -16.09 10.40
CA LEU A 151 -18.79 -14.97 10.74
C LEU A 151 -19.39 -13.61 10.37
N SER A 152 -20.17 -13.64 9.31
CA SER A 152 -20.82 -12.48 8.77
C SER A 152 -21.88 -11.95 9.72
N ALA A 153 -22.47 -12.82 10.55
CA ALA A 153 -23.46 -12.36 11.50
C ALA A 153 -22.82 -11.55 12.63
N LEU A 154 -21.50 -11.68 12.82
CA LEU A 154 -20.80 -10.89 13.86
C LEU A 154 -20.55 -9.41 13.45
N HIS A 155 -20.67 -9.11 12.15
CA HIS A 155 -20.37 -7.79 11.64
C HIS A 155 -18.99 -7.28 12.07
N PHE A 156 -17.97 -8.11 11.93
CA PHE A 156 -16.60 -7.80 12.31
C PHE A 156 -16.14 -6.43 11.77
N SER A 157 -15.47 -5.62 12.59
CA SER A 157 -14.82 -4.42 12.11
C SER A 157 -13.49 -4.89 11.48
N GLU A 158 -12.88 -4.04 10.69
CA GLU A 158 -11.60 -4.36 10.09
C GLU A 158 -10.55 -4.72 11.19
N ASP A 159 -10.55 -3.92 12.28
CA ASP A 159 -9.54 -4.09 13.30
C ASP A 159 -9.77 -5.38 14.03
N GLU A 160 -11.03 -5.80 14.16
CA GLU A 160 -11.36 -7.11 14.78
C GLU A 160 -10.86 -8.29 13.90
N ILE A 161 -11.11 -8.22 12.61
CA ILE A 161 -10.57 -9.15 11.65
C ILE A 161 -9.03 -9.13 11.69
N ALA A 162 -8.45 -7.94 11.68
CA ALA A 162 -7.01 -7.79 11.81
C ALA A 162 -6.51 -8.60 13.03
N LEU A 163 -7.13 -8.40 14.19
CA LEU A 163 -6.60 -9.05 15.42
C LEU A 163 -6.89 -10.56 15.46
N TYR A 164 -8.06 -10.94 15.01
CA TYR A 164 -8.46 -12.33 14.97
C TYR A 164 -7.60 -13.12 13.96
N THR A 165 -7.37 -12.56 12.76
CA THR A 165 -6.56 -13.30 11.81
C THR A 165 -5.09 -13.36 12.27
N ALA A 166 -4.65 -12.31 12.97
CA ALA A 166 -3.29 -12.38 13.54
C ALA A 166 -3.21 -13.54 14.51
N LEU A 167 -4.24 -13.74 15.33
CA LEU A 167 -4.27 -14.87 16.26
C LEU A 167 -4.39 -16.19 15.55
N VAL A 168 -5.04 -16.23 14.39
CA VAL A 168 -5.08 -17.44 13.59
C VAL A 168 -3.69 -17.85 13.13
N LEU A 169 -2.88 -16.86 12.68
CA LEU A 169 -1.54 -17.18 12.28
C LEU A 169 -0.58 -17.55 13.45
N ILE A 170 -0.57 -16.74 14.52
CA ILE A 170 0.43 -16.88 15.56
C ILE A 170 -0.12 -17.86 16.60
N ASN A 171 0.05 -19.14 16.36
CA ASN A 171 -0.56 -20.15 17.18
C ASN A 171 0.55 -21.15 17.53
N ALA A 172 0.90 -21.23 18.79
CA ALA A 172 2.01 -22.10 19.16
C ALA A 172 1.67 -23.57 19.15
N HIS A 173 0.47 -23.97 18.74
CA HIS A 173 0.17 -25.43 18.72
C HIS A 173 0.51 -26.08 17.38
N ARG A 174 1.11 -25.36 16.45
CA ARG A 174 1.47 -25.94 15.18
C ARG A 174 2.57 -26.97 15.36
N PRO A 175 2.35 -28.19 14.85
CA PRO A 175 3.49 -29.13 14.98
C PRO A 175 4.71 -28.70 14.14
N GLY A 176 5.91 -28.81 14.71
CA GLY A 176 7.15 -28.58 13.97
C GLY A 176 7.87 -27.27 14.30
N LEU A 177 7.27 -26.48 15.20
CA LEU A 177 7.92 -25.28 15.68
C LEU A 177 9.10 -25.64 16.48
N GLN A 178 10.21 -24.93 16.29
CA GLN A 178 11.39 -25.13 17.12
C GLN A 178 11.51 -24.18 18.30
N GLU A 179 11.05 -22.94 18.16
CA GLU A 179 11.06 -22.00 19.28
C GLU A 179 9.62 -21.76 19.76
N LYS A 180 9.00 -22.83 20.24
CA LYS A 180 7.63 -22.83 20.72
C LYS A 180 7.34 -21.71 21.75
N ARG A 181 8.25 -21.50 22.67
CA ARG A 181 8.01 -20.57 23.73
C ARG A 181 7.91 -19.14 23.21
N LYS A 182 8.76 -18.81 22.25
CA LYS A 182 8.74 -17.51 21.63
C LYS A 182 7.41 -17.32 20.89
N VAL A 183 6.89 -18.36 20.26
CA VAL A 183 5.60 -18.21 19.58
C VAL A 183 4.46 -18.06 20.62
N GLU A 184 4.55 -18.82 21.69
CA GLU A 184 3.64 -18.67 22.81
C GLU A 184 3.60 -17.24 23.30
N GLN A 185 4.75 -16.64 23.55
CA GLN A 185 4.70 -15.29 24.11
C GLN A 185 3.99 -14.37 23.15
N LEU A 186 4.22 -14.49 21.84
CA LEU A 186 3.57 -13.57 20.93
C LEU A 186 2.08 -13.89 20.83
N GLN A 187 1.72 -15.18 20.80
CA GLN A 187 0.33 -15.53 20.84
C GLN A 187 -0.39 -14.87 22.06
N TYR A 188 0.16 -15.01 23.26
CA TYR A 188 -0.57 -14.52 24.47
C TYR A 188 -0.65 -13.01 24.47
N ASN A 189 0.38 -12.36 23.95
CA ASN A 189 0.28 -10.92 23.80
C ASN A 189 -0.80 -10.51 22.80
N LEU A 190 -0.94 -11.25 21.69
CA LEU A 190 -2.02 -10.94 20.74
C LEU A 190 -3.40 -11.20 21.34
N GLU A 191 -3.54 -12.29 22.10
CA GLU A 191 -4.82 -12.67 22.70
C GLU A 191 -5.17 -11.53 23.66
N LEU A 192 -4.19 -11.09 24.45
CA LEU A 192 -4.44 -9.97 25.37
C LEU A 192 -4.74 -8.65 24.61
N ALA A 193 -4.04 -8.37 23.53
CA ALA A 193 -4.36 -7.19 22.71
C ALA A 193 -5.79 -7.24 22.19
N PHE A 194 -6.24 -8.41 21.77
CA PHE A 194 -7.59 -8.59 21.27
C PHE A 194 -8.67 -8.33 22.31
N HIS A 195 -8.48 -8.89 23.47
CA HIS A 195 -9.41 -8.67 24.60
C HIS A 195 -9.47 -7.21 24.99
N HIS A 196 -8.31 -6.58 25.15
CA HIS A 196 -8.19 -5.18 25.44
C HIS A 196 -8.95 -4.30 24.43
N HIS A 197 -8.64 -4.46 23.14
CA HIS A 197 -9.35 -3.74 22.13
C HIS A 197 -10.86 -3.94 22.14
N LEU A 198 -11.33 -5.19 22.29
CA LEU A 198 -12.78 -5.45 22.53
C LEU A 198 -13.35 -4.68 23.72
N CYS A 199 -12.63 -4.60 24.86
CA CYS A 199 -13.10 -3.80 25.98
C CYS A 199 -13.15 -2.25 25.65
N LYS A 200 -12.07 -1.71 25.11
CA LYS A 200 -11.98 -0.32 24.61
C LYS A 200 -13.22 -0.03 23.74
N THR A 201 -13.64 -0.96 22.91
CA THR A 201 -14.71 -0.71 21.95
C THR A 201 -16.06 -1.29 22.33
N HIS A 202 -16.21 -1.76 23.58
CA HIS A 202 -17.49 -2.36 24.05
C HIS A 202 -17.98 -3.51 23.18
N ARG A 203 -17.04 -4.29 22.68
CA ARG A 203 -17.37 -5.41 21.84
C ARG A 203 -17.06 -6.77 22.50
N GLN A 204 -16.92 -6.83 23.82
CA GLN A 204 -16.64 -8.11 24.51
C GLN A 204 -17.59 -9.23 24.11
N SER A 205 -18.85 -8.91 23.80
CA SER A 205 -19.86 -9.89 23.45
C SER A 205 -19.50 -10.75 22.21
N ILE A 206 -18.50 -10.38 21.41
CA ILE A 206 -18.21 -11.25 20.28
C ILE A 206 -17.36 -12.48 20.59
N LEU A 207 -16.69 -12.48 21.75
CA LEU A 207 -15.83 -13.58 22.13
C LEU A 207 -16.63 -14.87 22.23
N ALA A 208 -17.83 -14.78 22.79
CA ALA A 208 -18.73 -15.95 22.91
C ALA A 208 -19.24 -16.43 21.54
N LYS A 209 -19.19 -15.59 20.52
CA LYS A 209 -19.78 -15.96 19.23
C LYS A 209 -18.72 -16.40 18.24
N LEU A 210 -17.46 -16.42 18.65
CA LEU A 210 -16.40 -16.82 17.70
C LEU A 210 -16.57 -18.32 17.44
N PRO A 211 -16.18 -18.78 16.23
CA PRO A 211 -16.23 -20.23 15.89
C PRO A 211 -15.59 -21.04 17.02
N PRO A 212 -16.22 -22.17 17.40
CA PRO A 212 -15.63 -23.04 18.44
C PRO A 212 -14.22 -23.42 18.08
N LYS A 213 -13.52 -23.91 19.09
CA LYS A 213 -12.13 -24.32 18.97
C LYS A 213 -11.97 -25.57 18.12
N GLY A 214 -11.35 -25.42 16.92
CA GLY A 214 -11.17 -26.54 16.02
C GLY A 214 -12.09 -26.57 14.81
N LYS A 215 -13.13 -25.75 14.76
CA LYS A 215 -13.96 -25.62 13.58
C LYS A 215 -13.19 -25.06 12.35
N LEU A 216 -12.32 -24.09 12.60
CA LEU A 216 -11.54 -23.49 11.54
C LEU A 216 -10.49 -24.48 10.99
N ARG A 217 -9.79 -25.13 11.92
CA ARG A 217 -8.72 -26.06 11.59
C ARG A 217 -9.32 -27.19 10.76
N SER A 218 -10.47 -27.67 11.16
CA SER A 218 -11.03 -28.82 10.52
C SER A 218 -11.60 -28.43 9.15
N LEU A 219 -12.16 -27.22 9.05
CA LEU A 219 -12.66 -26.78 7.74
C LEU A 219 -11.50 -26.58 6.70
N CYS A 220 -10.43 -25.95 7.18
CA CYS A 220 -9.25 -25.78 6.41
C CYS A 220 -8.61 -27.10 5.94
N SER A 221 -8.54 -28.09 6.84
CA SER A 221 -8.15 -29.45 6.56
C SER A 221 -8.89 -30.07 5.38
N GLN A 222 -10.20 -29.94 5.40
CA GLN A 222 -11.08 -30.49 4.38
C GLN A 222 -10.88 -29.68 3.08
N HIS A 223 -10.76 -28.37 3.21
CA HIS A 223 -10.46 -27.54 2.08
C HIS A 223 -9.14 -27.96 1.39
N VAL A 224 -8.09 -28.14 2.16
CA VAL A 224 -6.79 -28.41 1.60
C VAL A 224 -6.73 -29.85 1.11
N GLU A 225 -7.41 -30.77 1.77
CA GLU A 225 -7.43 -32.14 1.27
C GLU A 225 -7.93 -32.14 -0.16
N ARG A 226 -9.00 -31.39 -0.40
CA ARG A 226 -9.55 -31.29 -1.74
C ARG A 226 -8.62 -30.57 -2.78
N LEU A 227 -7.89 -29.53 -2.36
CA LEU A 227 -6.97 -28.84 -3.25
C LEU A 227 -5.87 -29.80 -3.69
N GLN A 228 -5.37 -30.59 -2.72
CA GLN A 228 -4.33 -31.62 -2.95
C GLN A 228 -4.82 -32.67 -3.92
N ILE A 229 -6.11 -32.95 -3.91
CA ILE A 229 -6.63 -33.88 -4.90
C ILE A 229 -6.60 -33.28 -6.32
N PHE A 230 -7.08 -32.05 -6.51
CA PHE A 230 -7.04 -31.42 -7.83
C PHE A 230 -5.59 -31.27 -8.29
N GLN A 231 -4.72 -30.91 -7.34
CA GLN A 231 -3.32 -30.63 -7.60
C GLN A 231 -2.57 -31.87 -8.10
N HIS A 232 -2.71 -32.98 -7.39
CA HIS A 232 -2.13 -34.24 -7.91
C HIS A 232 -2.59 -34.59 -9.34
N LEU A 233 -3.74 -34.12 -9.76
CA LEU A 233 -4.18 -34.49 -11.12
C LEU A 233 -3.97 -33.41 -12.21
N HIS A 234 -3.97 -32.17 -11.78
CA HIS A 234 -3.75 -31.07 -12.69
C HIS A 234 -2.85 -30.12 -11.88
N PRO A 235 -1.54 -30.36 -11.93
CA PRO A 235 -0.74 -29.60 -10.95
C PRO A 235 -0.58 -28.18 -11.40
N ILE A 236 -1.35 -27.27 -10.86
CA ILE A 236 -1.41 -25.94 -11.45
C ILE A 236 -0.67 -24.97 -10.54
N VAL A 237 -0.44 -25.43 -9.32
CA VAL A 237 0.22 -24.62 -8.33
C VAL A 237 1.73 -24.90 -8.34
N VAL A 238 2.48 -23.79 -8.25
CA VAL A 238 3.91 -23.81 -8.27
C VAL A 238 4.51 -23.26 -6.97
N GLN A 239 5.38 -24.10 -6.37
CA GLN A 239 6.52 -23.86 -5.41
C GLN A 239 6.66 -24.99 -4.36
N ALA B 9 29.83 0.64 6.84
CA ALA B 9 28.79 -0.14 6.07
C ALA B 9 29.37 -0.96 4.90
N SER B 10 28.88 -2.19 4.74
CA SER B 10 29.32 -3.14 3.68
C SER B 10 28.55 -3.00 2.35
N LEU B 11 29.01 -3.72 1.33
CA LEU B 11 28.33 -3.74 0.03
C LEU B 11 26.96 -4.49 0.03
N THR B 12 26.79 -5.53 0.85
CA THR B 12 25.43 -6.08 1.04
C THR B 12 24.53 -5.11 1.81
N GLU B 13 25.07 -4.38 2.79
CA GLU B 13 24.24 -3.41 3.50
C GLU B 13 23.77 -2.29 2.56
N ILE B 14 24.69 -1.85 1.71
CA ILE B 14 24.39 -0.82 0.74
C ILE B 14 23.31 -1.29 -0.26
N GLU B 15 23.43 -2.53 -0.71
CA GLU B 15 22.41 -3.19 -1.50
C GLU B 15 21.06 -3.26 -0.84
N HIS B 16 21.06 -3.66 0.43
CA HIS B 16 19.85 -3.74 1.21
C HIS B 16 19.25 -2.35 1.36
N LEU B 17 20.10 -1.32 1.41
CA LEU B 17 19.59 0.09 1.51
C LEU B 17 18.93 0.49 0.18
N VAL B 18 19.57 0.13 -0.94
CA VAL B 18 18.95 0.29 -2.25
C VAL B 18 17.55 -0.34 -2.30
N GLN B 19 17.47 -1.61 -1.87
CA GLN B 19 16.25 -2.36 -1.96
C GLN B 19 15.22 -1.64 -1.13
N SER B 20 15.64 -1.19 0.01
CA SER B 20 14.67 -0.74 0.98
C SER B 20 14.12 0.65 0.58
N VAL B 21 14.98 1.54 0.13
CA VAL B 21 14.55 2.86 -0.29
C VAL B 21 13.63 2.71 -1.54
N CYS B 22 13.94 1.76 -2.40
CA CYS B 22 13.13 1.68 -3.55
C CYS B 22 11.77 0.98 -3.30
N LYS B 23 11.75 0.07 -2.33
CA LYS B 23 10.47 -0.49 -1.87
C LYS B 23 9.60 0.55 -1.16
N SER B 24 10.19 1.34 -0.29
CA SER B 24 9.56 2.49 0.35
C SER B 24 8.94 3.42 -0.70
N TYR B 25 9.70 3.84 -1.72
CA TYR B 25 9.13 4.63 -2.79
C TYR B 25 7.93 3.97 -3.48
N ARG B 26 8.09 2.68 -3.83
CA ARG B 26 7.02 2.02 -4.47
C ARG B 26 5.70 2.04 -3.63
N GLU B 27 5.80 2.00 -2.32
CA GLU B 27 4.61 1.99 -1.48
C GLU B 27 4.01 3.38 -1.26
N THR B 28 4.68 4.43 -1.67
CA THR B 28 4.24 5.76 -1.38
C THR B 28 4.37 6.61 -2.61
N CYS B 29 4.40 5.98 -3.78
CA CYS B 29 4.67 6.75 -5.01
C CYS B 29 3.44 7.54 -5.48
N GLN B 30 2.31 7.40 -4.74
CA GLN B 30 1.03 8.10 -5.01
C GLN B 30 0.24 7.47 -6.14
N LEU B 31 0.76 7.50 -7.36
CA LEU B 31 0.13 6.77 -8.46
C LEU B 31 1.18 5.95 -9.12
N ARG B 32 0.88 4.69 -9.47
CA ARG B 32 1.86 3.88 -10.19
C ARG B 32 2.26 4.48 -11.58
N LEU B 33 3.52 4.29 -11.98
CA LEU B 33 4.02 4.88 -13.23
C LEU B 33 3.09 4.51 -14.40
N GLU B 34 2.77 3.22 -14.49
CA GLU B 34 1.93 2.72 -15.59
C GLU B 34 0.57 3.37 -15.72
N ASP B 35 -0.03 3.73 -14.57
CA ASP B 35 -1.27 4.48 -14.50
C ASP B 35 -1.08 5.90 -15.05
N LEU B 36 0.00 6.59 -14.65
CA LEU B 36 0.29 7.91 -15.17
C LEU B 36 0.53 7.87 -16.70
N LEU B 37 1.24 6.84 -17.19
CA LEU B 37 1.52 6.73 -18.61
C LEU B 37 0.28 6.47 -19.43
N ARG B 38 -0.53 5.55 -18.96
CA ARG B 38 -1.69 5.12 -19.70
C ARG B 38 -2.71 6.23 -19.78
N GLN B 39 -2.67 7.18 -18.82
CA GLN B 39 -3.63 8.27 -18.83
C GLN B 39 -3.18 9.42 -19.74
N ARG B 40 -1.95 9.32 -20.28
CA ARG B 40 -1.46 10.35 -21.18
C ARG B 40 -2.43 10.73 -22.31
N SER B 41 -3.27 9.79 -22.74
CA SER B 41 -4.19 10.07 -23.87
C SER B 41 -5.48 10.73 -23.37
N ASN B 42 -5.58 10.93 -22.07
CA ASN B 42 -6.77 11.51 -21.50
C ASN B 42 -6.44 13.00 -21.25
N ILE B 43 -6.82 13.83 -22.19
CA ILE B 43 -6.41 15.21 -22.23
C ILE B 43 -7.64 16.12 -22.07
N PHE B 44 -7.48 17.20 -21.31
CA PHE B 44 -8.53 18.24 -21.23
C PHE B 44 -8.92 18.79 -22.65
N SER B 45 -10.20 18.88 -22.95
CA SER B 45 -10.65 19.44 -24.25
C SER B 45 -10.48 20.95 -24.19
N ARG B 46 -10.65 21.62 -25.31
CA ARG B 46 -10.64 23.09 -25.32
C ARG B 46 -11.61 23.70 -24.33
N GLU B 47 -12.80 23.12 -24.26
CA GLU B 47 -13.89 23.57 -23.39
C GLU B 47 -13.46 23.43 -21.94
N GLU B 48 -12.80 22.30 -21.61
CA GLU B 48 -12.35 22.12 -20.24
C GLU B 48 -11.24 23.08 -19.89
N VAL B 49 -10.32 23.35 -20.83
CA VAL B 49 -9.22 24.29 -20.58
C VAL B 49 -9.80 25.68 -20.31
N THR B 50 -10.66 26.13 -21.21
CA THR B 50 -11.33 27.40 -21.05
C THR B 50 -12.00 27.53 -19.68
N GLY B 51 -12.63 26.43 -19.24
CA GLY B 51 -13.27 26.26 -17.91
C GLY B 51 -12.30 26.57 -16.81
N TYR B 52 -11.12 25.99 -16.88
CA TYR B 52 -10.11 26.34 -15.89
C TYR B 52 -9.62 27.76 -16.00
N GLN B 53 -9.47 28.26 -17.22
CA GLN B 53 -8.96 29.63 -17.40
C GLN B 53 -9.92 30.67 -16.86
N ARG B 54 -11.21 30.37 -16.80
CA ARG B 54 -12.17 31.32 -16.35
C ARG B 54 -12.27 31.31 -14.81
N LYS B 55 -11.68 30.31 -14.16
CA LYS B 55 -11.78 30.26 -12.69
C LYS B 55 -11.07 31.44 -12.05
N SER B 56 -11.53 31.94 -10.90
CA SER B 56 -10.73 32.94 -10.21
C SER B 56 -9.37 32.36 -9.74
N MET B 57 -8.42 33.26 -9.51
CA MET B 57 -7.17 32.89 -8.91
C MET B 57 -7.38 32.14 -7.57
N TRP B 58 -8.45 32.50 -6.87
CA TRP B 58 -8.74 31.95 -5.55
C TRP B 58 -9.18 30.50 -5.60
N GLU B 59 -9.98 30.18 -6.59
CA GLU B 59 -10.39 28.85 -6.76
C GLU B 59 -9.23 27.94 -7.34
N MET B 60 -8.39 28.48 -8.22
CA MET B 60 -7.24 27.78 -8.75
C MET B 60 -6.23 27.51 -7.59
N TRP B 61 -6.11 28.46 -6.67
CA TRP B 61 -5.30 28.34 -5.52
C TRP B 61 -5.84 27.23 -4.59
N GLU B 62 -7.14 27.21 -4.33
CA GLU B 62 -7.73 26.06 -3.61
C GLU B 62 -7.39 24.74 -4.28
N ARG B 63 -7.56 24.64 -5.58
CA ARG B 63 -7.37 23.36 -6.28
C ARG B 63 -5.90 22.97 -6.27
N CYS B 64 -5.00 23.94 -6.43
CA CYS B 64 -3.55 23.70 -6.33
C CYS B 64 -3.19 23.28 -4.91
N ALA B 65 -3.71 23.98 -3.92
CA ALA B 65 -3.40 23.62 -2.52
C ALA B 65 -3.82 22.15 -2.19
N HIS B 66 -5.00 21.77 -2.61
CA HIS B 66 -5.47 20.43 -2.40
C HIS B 66 -4.56 19.48 -3.17
N HIS B 67 -4.15 19.84 -4.38
CA HIS B 67 -3.26 18.96 -5.15
C HIS B 67 -1.88 18.71 -4.43
N LEU B 68 -1.29 19.79 -3.95
CA LEU B 68 -0.01 19.74 -3.29
C LEU B 68 -0.09 19.00 -1.95
N THR B 69 -1.15 19.21 -1.24
CA THR B 69 -1.42 18.57 0.02
C THR B 69 -1.46 17.06 -0.12
N GLU B 70 -2.15 16.55 -1.16
CA GLU B 70 -2.11 15.11 -1.32
C GLU B 70 -0.71 14.64 -1.82
N ALA B 71 0.00 15.45 -2.62
CA ALA B 71 1.34 15.06 -3.07
C ALA B 71 2.24 14.98 -1.81
N ILE B 72 2.15 15.98 -0.95
CA ILE B 72 3.02 16.03 0.21
C ILE B 72 2.74 14.92 1.22
N GLN B 73 1.48 14.52 1.33
CA GLN B 73 1.15 13.46 2.25
C GLN B 73 1.94 12.12 1.88
N TYR B 74 2.15 11.85 0.60
CA TYR B 74 2.87 10.63 0.22
C TYR B 74 4.39 10.83 0.45
N VAL B 75 4.85 12.09 0.37
CA VAL B 75 6.21 12.40 0.67
C VAL B 75 6.47 12.13 2.12
N VAL B 76 5.53 12.48 2.96
CA VAL B 76 5.71 12.27 4.40
C VAL B 76 5.69 10.74 4.68
N GLU B 77 4.77 10.02 4.02
CA GLU B 77 4.74 8.54 4.17
C GLU B 77 6.11 7.92 3.71
N PHE B 78 6.71 8.53 2.72
CA PHE B 78 7.97 8.08 2.20
C PHE B 78 9.07 8.28 3.26
N ALA B 79 9.22 9.51 3.74
CA ALA B 79 10.16 9.79 4.81
C ALA B 79 9.98 8.83 6.00
N LYS B 80 8.75 8.69 6.48
CA LYS B 80 8.51 7.83 7.64
C LYS B 80 8.93 6.35 7.40
N ARG B 81 8.94 5.91 6.14
CA ARG B 81 9.34 4.54 5.82
C ARG B 81 10.84 4.50 5.58
N LEU B 82 11.45 5.66 5.56
CA LEU B 82 12.87 5.68 5.22
C LEU B 82 13.71 5.26 6.38
N SER B 83 14.63 4.37 6.03
CA SER B 83 15.48 3.64 6.97
C SER B 83 16.08 4.48 8.14
N GLY B 84 16.98 5.37 7.81
CA GLY B 84 17.59 6.11 8.87
C GLY B 84 16.69 7.19 9.43
N PHE B 85 15.67 7.58 8.66
CA PHE B 85 14.86 8.77 8.98
C PHE B 85 14.27 8.75 10.36
N MET B 86 13.61 7.64 10.75
CA MET B 86 12.95 7.58 12.07
C MET B 86 13.96 7.44 13.19
N GLU B 87 15.22 7.20 12.86
CA GLU B 87 16.22 7.24 13.89
C GLU B 87 16.69 8.64 14.27
N LEU B 88 16.43 9.61 13.38
CA LEU B 88 16.66 10.99 13.71
C LEU B 88 15.71 11.48 14.79
N CYS B 89 16.15 12.50 15.53
CA CYS B 89 15.30 13.18 16.48
C CYS B 89 14.06 13.82 15.81
N GLN B 90 13.02 14.00 16.62
CA GLN B 90 11.82 14.73 16.25
C GLN B 90 12.15 16.08 15.51
N ASN B 91 12.98 16.93 16.11
CA ASN B 91 13.32 18.23 15.54
C ASN B 91 13.87 18.13 14.10
N ASP B 92 14.88 17.27 13.97
CA ASP B 92 15.61 17.05 12.71
C ASP B 92 14.72 16.48 11.62
N GLN B 93 13.84 15.56 11.98
CA GLN B 93 12.78 15.06 11.09
C GLN B 93 11.96 16.20 10.53
N ILE B 94 11.50 17.11 11.40
CA ILE B 94 10.65 18.24 10.99
C ILE B 94 11.47 19.20 10.12
N VAL B 95 12.71 19.49 10.54
CA VAL B 95 13.56 20.38 9.75
C VAL B 95 13.80 19.81 8.34
N LEU B 96 14.07 18.51 8.23
CA LEU B 96 14.28 17.99 6.88
C LEU B 96 13.01 17.98 6.06
N LEU B 97 11.88 17.71 6.72
CA LEU B 97 10.57 17.69 5.98
C LEU B 97 10.11 19.07 5.54
N LYS B 98 10.14 20.03 6.47
CA LYS B 98 9.85 21.43 6.12
C LYS B 98 10.70 21.93 4.97
N ALA B 99 11.99 21.64 4.98
CA ALA B 99 12.83 22.18 3.93
C ALA B 99 12.68 21.36 2.65
N GLY B 100 12.42 20.07 2.78
CA GLY B 100 12.62 19.18 1.67
C GLY B 100 11.35 18.59 1.08
N ALA B 101 10.21 18.62 1.74
CA ALA B 101 9.09 17.84 1.16
C ALA B 101 8.64 18.36 -0.18
N MET B 102 8.52 19.68 -0.27
CA MET B 102 8.11 20.38 -1.52
C MET B 102 9.16 20.23 -2.65
N GLU B 103 10.45 20.24 -2.30
CA GLU B 103 11.51 19.81 -3.22
C GLU B 103 11.28 18.39 -3.75
N VAL B 104 10.91 17.43 -2.92
CA VAL B 104 10.61 16.09 -3.47
C VAL B 104 9.38 16.10 -4.41
N VAL B 105 8.38 16.91 -4.09
CA VAL B 105 7.20 16.94 -4.92
C VAL B 105 7.56 17.47 -6.32
N LEU B 106 8.40 18.50 -6.37
CA LEU B 106 8.88 19.04 -7.63
C LEU B 106 9.62 17.99 -8.45
N VAL B 107 10.40 17.11 -7.82
CA VAL B 107 11.09 16.08 -8.56
C VAL B 107 10.10 15.02 -9.03
N ARG B 108 9.22 14.59 -8.11
CA ARG B 108 8.22 13.56 -8.44
C ARG B 108 7.30 13.99 -9.60
N MET B 109 7.15 15.30 -9.78
CA MET B 109 6.20 15.70 -10.79
C MET B 109 6.65 15.36 -12.23
N CYS B 110 7.96 15.03 -12.43
CA CYS B 110 8.38 14.66 -13.79
C CYS B 110 7.72 13.36 -14.30
N ARG B 111 7.18 12.55 -13.43
CA ARG B 111 6.60 11.29 -13.84
C ARG B 111 5.26 11.54 -14.46
N ALA B 112 4.64 12.65 -14.03
CA ALA B 112 3.28 13.01 -14.46
C ALA B 112 3.37 14.13 -15.52
N TYR B 113 4.52 14.21 -16.18
CA TYR B 113 4.75 15.22 -17.20
C TYR B 113 5.05 14.49 -18.54
N ASN B 114 4.34 14.90 -19.58
CA ASN B 114 4.40 14.25 -20.88
C ASN B 114 5.07 15.27 -21.81
N ALA B 115 6.33 15.00 -22.15
CA ALA B 115 7.13 15.89 -22.95
C ALA B 115 6.68 16.01 -24.41
N ASP B 116 5.97 15.03 -24.91
CA ASP B 116 5.52 15.07 -26.31
C ASP B 116 4.58 16.20 -26.58
N ASN B 117 3.78 16.55 -25.59
CA ASN B 117 2.78 17.58 -25.85
C ASN B 117 2.85 18.62 -24.70
N ARG B 118 3.79 18.47 -23.78
CA ARG B 118 4.01 19.45 -22.67
C ARG B 118 2.77 19.61 -21.75
N THR B 119 2.23 18.47 -21.30
CA THR B 119 1.06 18.47 -20.47
C THR B 119 1.44 17.77 -19.17
N VAL B 120 0.69 18.08 -18.12
CA VAL B 120 0.85 17.47 -16.82
C VAL B 120 -0.50 16.96 -16.38
N PHE B 121 -0.43 16.07 -15.40
CA PHE B 121 -1.61 15.42 -14.92
C PHE B 121 -2.12 16.24 -13.76
N PHE B 122 -3.37 16.64 -13.84
CA PHE B 122 -3.89 17.50 -12.84
C PHE B 122 -5.40 17.31 -12.80
N GLU B 123 -5.91 16.95 -11.63
CA GLU B 123 -7.32 16.74 -11.41
C GLU B 123 -7.86 15.77 -12.45
N GLY B 124 -7.15 14.69 -12.68
CA GLY B 124 -7.80 13.59 -13.42
C GLY B 124 -7.50 13.54 -14.92
N LYS B 125 -6.91 14.58 -15.50
CA LYS B 125 -6.52 14.52 -16.93
C LYS B 125 -5.27 15.34 -17.13
N TYR B 126 -4.76 15.33 -18.36
CA TYR B 126 -3.57 16.08 -18.73
C TYR B 126 -3.88 17.43 -19.42
N GLY B 127 -3.23 18.53 -18.96
CA GLY B 127 -3.28 19.83 -19.64
C GLY B 127 -1.99 20.57 -19.61
N GLY B 128 -1.89 21.59 -20.46
CA GLY B 128 -0.67 22.28 -20.71
C GLY B 128 -0.58 23.41 -19.72
N MET B 129 0.50 24.16 -19.77
CA MET B 129 0.64 25.27 -18.84
C MET B 129 -0.49 26.30 -18.89
N GLU B 130 -1.17 26.39 -20.02
CA GLU B 130 -2.27 27.36 -20.16
C GLU B 130 -3.43 27.07 -19.19
N LEU B 131 -3.46 25.86 -18.65
CA LEU B 131 -4.50 25.47 -17.75
C LEU B 131 -4.47 26.35 -16.51
N PHE B 132 -3.27 26.84 -16.20
CA PHE B 132 -3.00 27.46 -14.94
C PHE B 132 -3.05 28.97 -15.06
N ARG B 133 -3.46 29.45 -16.21
CA ARG B 133 -3.43 30.89 -16.44
C ARG B 133 -3.97 31.82 -15.29
N ALA B 134 -5.10 31.44 -14.69
CA ALA B 134 -5.82 32.33 -13.77
C ALA B 134 -4.96 32.66 -12.55
N LEU B 135 -4.00 31.79 -12.21
CA LEU B 135 -3.12 32.03 -11.07
C LEU B 135 -2.33 33.32 -11.26
N GLY B 136 -2.16 33.73 -12.51
CA GLY B 136 -1.35 34.87 -12.79
C GLY B 136 0.11 34.65 -12.43
N CYS B 137 0.61 33.41 -12.43
CA CYS B 137 2.06 33.32 -12.27
C CYS B 137 2.79 32.61 -13.38
N SER B 138 2.68 33.11 -14.59
CA SER B 138 3.23 32.36 -15.72
C SER B 138 4.71 32.16 -15.62
N GLU B 139 5.48 33.08 -15.06
CA GLU B 139 6.95 32.89 -15.03
C GLU B 139 7.31 31.76 -14.08
N LEU B 140 6.71 31.74 -12.89
CA LEU B 140 6.92 30.60 -12.02
C LEU B 140 6.39 29.30 -12.64
N ILE B 141 5.21 29.36 -13.24
CA ILE B 141 4.65 28.15 -13.86
C ILE B 141 5.57 27.69 -14.97
N SER B 142 6.05 28.58 -15.83
CA SER B 142 6.92 28.02 -16.87
C SER B 142 8.24 27.48 -16.35
N SER B 143 8.77 28.05 -15.27
CA SER B 143 10.04 27.46 -14.77
C SER B 143 9.81 26.12 -14.05
N ILE B 144 8.61 25.90 -13.51
CA ILE B 144 8.30 24.58 -13.02
C ILE B 144 8.13 23.57 -14.16
N PHE B 145 7.45 23.96 -15.25
CA PHE B 145 7.38 23.12 -16.47
C PHE B 145 8.75 22.78 -17.11
N ASP B 146 9.65 23.76 -17.14
CA ASP B 146 11.03 23.60 -17.66
C ASP B 146 11.75 22.66 -16.77
N PHE B 147 11.54 22.73 -15.45
CA PHE B 147 12.24 21.80 -14.57
C PHE B 147 11.79 20.36 -14.80
N SER B 148 10.49 20.11 -14.73
CA SER B 148 9.95 18.81 -15.09
C SER B 148 10.40 18.30 -16.47
N HIS B 149 10.52 19.19 -17.46
CA HIS B 149 10.87 18.81 -18.79
C HIS B 149 12.32 18.36 -18.83
N SER B 150 13.19 19.05 -18.11
CA SER B 150 14.55 18.62 -18.22
C SER B 150 14.79 17.33 -17.47
N LEU B 151 13.97 16.98 -16.48
CA LEU B 151 14.15 15.71 -15.79
C LEU B 151 13.53 14.55 -16.56
N SER B 152 12.43 14.83 -17.24
CA SER B 152 11.78 13.79 -18.01
C SER B 152 12.64 13.41 -19.23
N ALA B 153 13.56 14.28 -19.66
CA ALA B 153 14.55 14.00 -20.68
C ALA B 153 15.53 12.90 -20.27
N LEU B 154 15.69 12.70 -18.98
CA LEU B 154 16.58 11.66 -18.47
C LEU B 154 15.90 10.28 -18.47
N HIS B 155 14.56 10.26 -18.56
CA HIS B 155 13.79 9.02 -18.44
C HIS B 155 14.08 8.33 -17.11
N PHE B 156 14.12 9.08 -16.03
CA PHE B 156 14.27 8.51 -14.70
C PHE B 156 13.47 7.24 -14.46
N SER B 157 14.13 6.19 -13.98
CA SER B 157 13.42 4.99 -13.62
C SER B 157 12.76 5.20 -12.24
N GLU B 158 11.76 4.41 -11.89
CA GLU B 158 11.21 4.51 -10.52
C GLU B 158 12.28 4.44 -9.42
N ASP B 159 13.24 3.52 -9.51
CA ASP B 159 14.24 3.36 -8.44
C ASP B 159 15.24 4.54 -8.38
N GLU B 160 15.53 5.15 -9.52
CA GLU B 160 16.35 6.39 -9.57
C GLU B 160 15.64 7.55 -8.84
N ILE B 161 14.36 7.73 -9.10
CA ILE B 161 13.54 8.73 -8.37
C ILE B 161 13.53 8.45 -6.88
N ALA B 162 13.24 7.20 -6.53
CA ALA B 162 13.31 6.78 -5.14
C ALA B 162 14.62 7.28 -4.44
N LEU B 163 15.73 6.89 -5.03
CA LEU B 163 17.03 7.15 -4.42
C LEU B 163 17.39 8.65 -4.47
N TYR B 164 17.08 9.31 -5.59
CA TYR B 164 17.37 10.72 -5.75
C TYR B 164 16.51 11.53 -4.79
N THR B 165 15.24 11.20 -4.71
CA THR B 165 14.38 11.96 -3.80
C THR B 165 14.75 11.69 -2.34
N ALA B 166 15.22 10.49 -2.02
CA ALA B 166 15.74 10.24 -0.65
C ALA B 166 16.95 11.19 -0.35
N LEU B 167 17.82 11.38 -1.33
CA LEU B 167 18.89 12.32 -1.18
C LEU B 167 18.41 13.81 -1.18
N VAL B 168 17.29 14.14 -1.80
CA VAL B 168 16.77 15.50 -1.66
C VAL B 168 16.34 15.74 -0.21
N LEU B 169 15.73 14.74 0.44
CA LEU B 169 15.33 14.90 1.82
C LEU B 169 16.47 14.81 2.82
N ILE B 170 17.25 13.75 2.72
CA ILE B 170 18.34 13.57 3.65
C ILE B 170 19.59 14.39 3.20
N ASN B 171 19.58 15.69 3.56
CA ASN B 171 20.51 16.67 3.13
C ASN B 171 21.03 17.37 4.43
N ALA B 172 22.30 17.13 4.72
CA ALA B 172 22.87 17.68 5.94
C ALA B 172 23.05 19.20 5.92
N HIS B 173 22.82 19.89 4.81
CA HIS B 173 23.04 21.32 4.79
C HIS B 173 21.88 22.21 5.24
N ARG B 174 20.71 21.63 5.49
CA ARG B 174 19.59 22.37 6.02
C ARG B 174 19.89 23.01 7.37
N PRO B 175 19.66 24.31 7.47
CA PRO B 175 19.70 25.10 8.73
C PRO B 175 18.81 24.54 9.85
N GLY B 176 19.28 24.59 11.09
CA GLY B 176 18.53 24.14 12.28
C GLY B 176 18.64 22.66 12.74
N LEU B 177 19.50 21.87 12.10
CA LEU B 177 19.74 20.50 12.53
C LEU B 177 20.54 20.49 13.81
N GLN B 178 20.26 19.52 14.68
CA GLN B 178 20.95 19.44 15.97
C GLN B 178 21.98 18.34 15.93
N GLU B 179 21.70 17.33 15.14
CA GLU B 179 22.58 16.20 14.99
C GLU B 179 23.03 16.15 13.53
N LYS B 180 23.77 17.20 13.12
CA LYS B 180 24.27 17.36 11.76
C LYS B 180 25.13 16.14 11.30
N ARG B 181 25.99 15.62 12.18
CA ARG B 181 26.81 14.41 11.85
C ARG B 181 26.04 13.09 11.56
N LYS B 182 25.01 12.80 12.37
CA LYS B 182 24.01 11.76 12.07
C LYS B 182 23.42 11.94 10.66
N VAL B 183 22.96 13.14 10.33
CA VAL B 183 22.39 13.33 8.99
C VAL B 183 23.43 13.15 7.87
N GLU B 184 24.63 13.65 8.12
CA GLU B 184 25.75 13.45 7.19
C GLU B 184 26.04 12.02 6.88
N GLN B 185 25.97 11.17 7.90
CA GLN B 185 26.31 9.77 7.72
C GLN B 185 25.22 9.07 6.90
N LEU B 186 23.99 9.36 7.23
CA LEU B 186 22.86 8.85 6.47
C LEU B 186 22.86 9.34 5.04
N GLN B 187 23.14 10.63 4.83
CA GLN B 187 23.22 11.18 3.47
C GLN B 187 24.34 10.43 2.71
N TYR B 188 25.47 10.26 3.38
CA TYR B 188 26.58 9.54 2.75
C TYR B 188 26.21 8.10 2.28
N ASN B 189 25.66 7.29 3.21
CA ASN B 189 25.16 5.93 2.88
C ASN B 189 24.15 5.97 1.72
N LEU B 190 23.28 6.97 1.70
CA LEU B 190 22.31 7.04 0.59
C LEU B 190 23.03 7.41 -0.72
N GLU B 191 24.10 8.20 -0.62
CA GLU B 191 24.88 8.52 -1.83
C GLU B 191 25.55 7.27 -2.39
N LEU B 192 26.12 6.46 -1.50
CA LEU B 192 26.70 5.13 -1.83
C LEU B 192 25.66 4.24 -2.47
N ALA B 193 24.48 4.20 -1.89
CA ALA B 193 23.39 3.37 -2.45
C ALA B 193 23.00 3.82 -3.86
N PHE B 194 22.81 5.13 -4.01
CA PHE B 194 22.55 5.71 -5.32
C PHE B 194 23.66 5.41 -6.33
N HIS B 195 24.91 5.67 -5.98
CA HIS B 195 25.98 5.48 -6.93
C HIS B 195 26.09 4.00 -7.33
N HIS B 196 26.12 3.11 -6.33
CA HIS B 196 26.15 1.67 -6.56
C HIS B 196 25.01 1.20 -7.47
N HIS B 197 23.81 1.73 -7.29
CA HIS B 197 22.75 1.25 -8.11
C HIS B 197 22.84 1.74 -9.57
N LEU B 198 23.33 2.95 -9.80
CA LEU B 198 23.65 3.40 -11.17
C LEU B 198 24.68 2.51 -11.87
N CYS B 199 25.73 2.09 -11.16
CA CYS B 199 26.66 1.10 -11.67
C CYS B 199 25.96 -0.17 -12.08
N LYS B 200 25.08 -0.69 -11.22
CA LYS B 200 24.42 -1.98 -11.46
C LYS B 200 23.44 -1.92 -12.60
N THR B 201 22.91 -0.74 -12.86
CA THR B 201 21.96 -0.60 -13.92
C THR B 201 22.56 0.11 -15.14
N HIS B 202 23.89 0.28 -15.18
CA HIS B 202 24.53 1.04 -16.28
C HIS B 202 23.95 2.42 -16.54
N ARG B 203 23.62 3.11 -15.47
CA ARG B 203 23.00 4.42 -15.58
C ARG B 203 23.92 5.55 -14.99
N GLN B 204 25.22 5.30 -14.89
CA GLN B 204 26.22 6.25 -14.43
C GLN B 204 26.12 7.53 -15.22
N SER B 205 25.86 7.41 -16.53
CA SER B 205 25.77 8.59 -17.36
C SER B 205 24.76 9.64 -16.85
N ILE B 206 23.91 9.37 -15.89
CA ILE B 206 22.90 10.42 -15.63
C ILE B 206 23.37 11.47 -14.63
N LEU B 207 24.41 11.14 -13.87
CA LEU B 207 24.85 12.05 -12.81
C LEU B 207 25.24 13.41 -13.41
N ALA B 208 26.04 13.41 -14.47
CA ALA B 208 26.45 14.63 -15.13
C ALA B 208 25.24 15.41 -15.71
N LYS B 209 24.06 14.79 -15.80
CA LYS B 209 22.92 15.46 -16.44
C LYS B 209 21.88 15.85 -15.41
N LEU B 210 22.14 15.51 -14.15
CA LEU B 210 21.23 16.00 -13.12
C LEU B 210 21.39 17.50 -12.99
N PRO B 211 20.29 18.25 -12.77
CA PRO B 211 20.37 19.68 -12.44
C PRO B 211 21.26 19.98 -11.23
N PRO B 212 21.98 21.12 -11.22
CA PRO B 212 22.63 21.57 -9.98
C PRO B 212 21.67 21.64 -8.81
N LYS B 213 22.17 21.36 -7.59
CA LYS B 213 21.29 21.25 -6.41
C LYS B 213 20.57 22.56 -6.09
N GLY B 214 21.31 23.65 -6.29
CA GLY B 214 20.89 25.01 -6.06
C GLY B 214 19.69 25.39 -6.90
N LYS B 215 19.50 24.70 -8.03
CA LYS B 215 18.41 24.99 -8.92
C LYS B 215 17.08 24.46 -8.37
N LEU B 216 17.09 23.22 -7.86
CA LEU B 216 15.93 22.70 -7.17
C LEU B 216 15.59 23.54 -5.91
N ARG B 217 16.57 23.93 -5.11
CA ARG B 217 16.31 24.72 -3.91
C ARG B 217 15.76 26.12 -4.30
N SER B 218 16.31 26.70 -5.35
CA SER B 218 15.92 28.05 -5.72
C SER B 218 14.50 28.05 -6.36
N LEU B 219 14.19 26.98 -7.09
CA LEU B 219 12.86 26.83 -7.63
C LEU B 219 11.80 26.59 -6.53
N CYS B 220 12.16 25.75 -5.56
CA CYS B 220 11.35 25.51 -4.44
C CYS B 220 11.09 26.75 -3.62
N SER B 221 12.11 27.61 -3.39
CA SER B 221 11.90 28.92 -2.69
C SER B 221 10.91 29.82 -3.36
N GLN B 222 11.02 29.94 -4.68
CA GLN B 222 10.07 30.78 -5.42
C GLN B 222 8.65 30.18 -5.38
N HIS B 223 8.55 28.87 -5.48
CA HIS B 223 7.28 28.20 -5.35
C HIS B 223 6.62 28.48 -3.98
N VAL B 224 7.36 28.28 -2.89
CA VAL B 224 6.78 28.42 -1.60
C VAL B 224 6.46 29.92 -1.31
N GLU B 225 7.30 30.80 -1.81
CA GLU B 225 7.02 32.23 -1.62
C GLU B 225 5.70 32.59 -2.31
N ARG B 226 5.47 31.98 -3.45
CA ARG B 226 4.20 32.28 -4.08
C ARG B 226 3.01 31.61 -3.25
N LEU B 227 3.21 30.42 -2.68
CA LEU B 227 2.15 29.84 -1.83
C LEU B 227 1.76 30.76 -0.67
N GLN B 228 2.78 31.20 0.08
CA GLN B 228 2.58 32.15 1.18
C GLN B 228 1.84 33.40 0.75
N ILE B 229 2.10 33.91 -0.43
CA ILE B 229 1.32 35.07 -0.86
C ILE B 229 -0.17 34.73 -0.95
N PHE B 230 -0.48 33.57 -1.52
CA PHE B 230 -1.89 33.18 -1.66
C PHE B 230 -2.53 32.93 -0.27
N GLN B 231 -1.75 32.26 0.57
CA GLN B 231 -2.11 31.86 1.92
C GLN B 231 -2.41 33.05 2.84
N HIS B 232 -1.66 34.13 2.73
CA HIS B 232 -1.94 35.34 3.50
C HIS B 232 -3.24 36.06 3.12
N LEU B 233 -3.72 35.88 1.91
CA LEU B 233 -5.04 36.46 1.60
C LEU B 233 -6.20 35.44 1.72
N HIS B 234 -5.88 34.17 1.55
CA HIS B 234 -6.91 33.15 1.51
C HIS B 234 -6.32 31.87 2.18
N PRO B 235 -6.34 31.87 3.52
CA PRO B 235 -5.61 30.89 4.30
C PRO B 235 -6.28 29.54 4.29
N ILE B 236 -5.86 28.66 3.43
CA ILE B 236 -6.61 27.47 3.14
C ILE B 236 -5.72 26.28 3.45
N VAL B 237 -4.56 26.54 4.05
CA VAL B 237 -3.73 25.45 4.55
C VAL B 237 -3.80 25.77 6.06
N VAL B 238 -3.99 24.82 7.00
CA VAL B 238 -3.79 23.36 6.91
C VAL B 238 -5.12 22.68 7.04
N GLN B 239 -5.54 21.73 6.13
CA GLN B 239 -4.82 20.82 5.18
C GLN B 239 -4.92 21.47 3.82
C11 F7M C . -16.43 -19.51 -1.15
C10 F7M C . -14.90 -19.58 -3.24
C6 F7M C . -15.52 -17.48 -1.67
C7 F7M C . -15.63 -18.90 -2.08
C9 F7M C . -14.85 -16.34 -2.14
C2 F7M C . -12.31 -22.75 -3.60
C1 F7M C . -12.50 -24.28 -3.47
O3 F7M C . -11.21 -22.42 -3.22
C4 F7M C . -13.31 -13.42 -1.37
O5 F7M C . -12.91 -13.74 -0.25
C8 F7M C . -16.30 -17.33 -0.51
N12 F7M C . -16.85 -18.56 -0.25
C13 F7M C . -16.41 -16.08 0.15
C14 F7M C . -14.98 -15.13 -1.49
C15 F7M C . -13.37 -19.54 -2.89
C16 F7M C . -15.38 -21.05 -3.48
C17 F7M C . -15.79 -14.98 -0.34
N18 F7M C . -14.33 -14.03 -2.02
C19 F7M C . -12.52 -20.32 -3.95
C20 F7M C . -14.49 -21.81 -4.48
N21 F7M C . -13.09 -21.70 -4.02
C22 F7M C . -12.65 -12.31 -2.01
N23 F7M C . -12.61 -12.27 -3.35
C24 F7M C . -11.96 -11.27 -3.99
C25 F7M C . -11.32 -10.24 -3.29
C26 F7M C . -11.39 -10.28 -1.85
C27 F7M C . -12.07 -11.32 -1.20
C28 F7M C . -10.86 -9.26 -0.99
N29 F7M C . -10.46 -8.45 -0.32
C30 F7M C . -13.81 -24.79 -2.94
C31 F7M C . -13.84 -26.33 -2.80
C32 F7M C . -12.93 -27.21 -3.71
C33 F7M C . -11.79 -26.51 -4.47
C34 F7M C . -12.01 -25.04 -4.72
C35 F7M C . -17.74 -18.76 0.92
C11 F7M D . 3.17 21.91 -12.70
C10 F7M D . 1.04 22.12 -11.19
C6 F7M D . 2.28 19.94 -12.16
C7 F7M D . 2.13 21.37 -12.00
C9 F7M D . 1.53 18.85 -11.69
C2 F7M D . 0.98 24.87 -8.23
C1 F7M D . 1.34 26.31 -8.17
O3 F7M D . 1.30 24.39 -7.16
C4 F7M D . 1.71 15.57 -10.71
O5 F7M D . 2.89 15.58 -10.34
C8 F7M D . 3.43 19.69 -12.96
N12 F7M D . 3.94 20.92 -13.28
C13 F7M D . 3.83 18.37 -13.27
C14 F7M D . 1.93 17.56 -12.01
C15 F7M D . 1.35 21.92 -9.66
C16 F7M D . 1.00 23.65 -11.48
C17 F7M D . 3.08 17.30 -12.81
N18 F7M D . 1.17 16.50 -11.50
C19 F7M D . 0.31 22.65 -8.76
C20 F7M D . 0.05 24.43 -10.52
N21 F7M D . 0.42 24.06 -9.16
C22 F7M D . 0.84 14.48 -10.28
N23 F7M D . -0.46 14.64 -10.22
C24 F7M D . -1.26 13.66 -9.77
C25 F7M D . -0.74 12.43 -9.38
C26 F7M D . 0.67 12.21 -9.42
C27 F7M D . 1.49 13.27 -9.86
C28 F7M D . 1.25 10.95 -9.04
N29 F7M D . 1.78 9.97 -8.74
C30 F7M D . 1.81 26.99 -9.41
C31 F7M D . 2.49 28.26 -8.87
C32 F7M D . 1.52 29.19 -8.12
C33 F7M D . 0.73 28.51 -7.02
C34 F7M D . 0.37 27.08 -7.27
C35 F7M D . 5.17 21.14 -14.11
#